data_4HY9
#
_entry.id   4HY9
#
_cell.length_a   77.402
_cell.length_b   162.131
_cell.length_c   45.279
_cell.angle_alpha   90.00
_cell.angle_beta   90.00
_cell.angle_gamma   90.00
#
_symmetry.space_group_name_H-M   'P 21 21 2'
#
loop_
_entity.id
_entity.type
_entity.pdbx_description
1 polymer 'Chaperone protein DnaK'
2 polymer Pyrrhocoricin
3 non-polymer 'SULFATE ION'
4 water water
#
loop_
_entity_poly.entity_id
_entity_poly.type
_entity_poly.pdbx_seq_one_letter_code
_entity_poly.pdbx_strand_id
1 'polypeptide(L)'
;VLLLDVTPLSLGIETMGGVMTTLIAKNTTIPTKHSQVFSTAEDNQSAVTIHVLQGERKRAADNKSLGQFNLDGINPAPRG
MPQIEVTFDIDADGILHVSAKDKNSGKEQKITIKASSGLNEDEIQKMVRDAEANAEADRKFEELVQTRNQGDHLLHSTRK
QVEEAGDKLPADDKTAIESALTALETALKGEDKAAIEAKMQELAQVSQKLMEIAQQQHA
;
A,B
2 'polypeptide(L)' VDKLY(ALC)(ALC)PRPTT C,D
#
loop_
_chem_comp.id
_chem_comp.type
_chem_comp.name
_chem_comp.formula
SO4 non-polymer 'SULFATE ION' 'O4 S -2'
#
# COMPACT_ATOMS: atom_id res chain seq x y z
N VAL A 1 -23.49 27.95 14.43
CA VAL A 1 -22.61 28.51 13.34
C VAL A 1 -22.88 27.67 12.08
N LEU A 2 -22.81 28.35 10.93
CA LEU A 2 -22.93 27.61 9.66
C LEU A 2 -21.63 27.42 8.94
N LEU A 3 -20.56 27.94 9.47
CA LEU A 3 -19.28 27.52 8.88
C LEU A 3 -18.23 27.61 9.91
N LEU A 4 -17.10 26.88 9.68
CA LEU A 4 -16.04 27.02 10.62
C LEU A 4 -14.83 26.38 9.96
N ASP A 5 -13.69 26.54 10.59
CA ASP A 5 -12.44 25.96 10.08
C ASP A 5 -12.19 24.60 10.62
N VAL A 6 -11.83 23.69 9.73
CA VAL A 6 -11.44 22.37 10.19
C VAL A 6 -10.10 22.04 9.53
N THR A 7 -9.40 20.99 10.03
CA THR A 7 -8.32 20.42 9.28
C THR A 7 -8.92 19.28 8.42
N PRO A 8 -8.66 19.29 7.11
CA PRO A 8 -9.49 18.48 6.18
C PRO A 8 -9.13 17.01 6.05
N LEU A 9 -7.97 16.67 6.62
CA LEU A 9 -7.56 15.25 6.54
C LEU A 9 -6.97 14.88 7.88
N SER A 10 -6.89 13.58 8.16
CA SER A 10 -6.25 13.19 9.38
C SER A 10 -4.76 13.55 9.33
N LEU A 11 -4.24 13.83 10.49
CA LEU A 11 -2.81 14.13 10.72
C LEU A 11 -2.21 13.19 11.73
N GLY A 12 -1.01 12.67 11.39
CA GLY A 12 -0.35 11.75 12.37
C GLY A 12 1.04 11.47 11.99
N ILE A 13 1.53 10.33 12.47
CA ILE A 13 2.94 10.02 12.32
C ILE A 13 3.14 8.59 11.81
N GLU A 14 4.29 8.29 11.24
CA GLU A 14 4.59 6.90 10.85
C GLU A 14 5.00 6.07 12.08
N THR A 15 4.40 4.91 12.23
CA THR A 15 4.82 4.02 13.33
C THR A 15 5.32 2.71 12.74
N MET A 16 5.90 1.86 13.63
CA MET A 16 6.62 0.57 13.26
C MET A 16 5.83 -0.17 12.23
N GLY A 17 6.54 -0.58 11.19
CA GLY A 17 5.87 -1.37 10.20
C GLY A 17 5.31 -0.58 9.07
N GLY A 18 5.47 0.75 9.05
CA GLY A 18 5.07 1.57 7.86
C GLY A 18 3.62 2.00 7.93
N VAL A 19 3.13 2.12 9.14
CA VAL A 19 1.74 2.45 9.32
C VAL A 19 1.60 3.96 9.64
N MET A 20 0.59 4.60 9.10
CA MET A 20 0.16 5.88 9.68
C MET A 20 -0.78 5.74 10.91
N THR A 21 -0.26 6.29 11.99
CA THR A 21 -1.06 6.45 13.23
C THR A 21 -1.55 7.89 13.41
N THR A 22 -2.86 7.98 13.42
CA THR A 22 -3.57 9.30 13.56
C THR A 22 -3.51 9.96 14.95
N LEU A 23 -3.06 11.21 15.01
CA LEU A 23 -3.24 12.03 16.23
C LEU A 23 -4.38 12.99 16.06
N ILE A 24 -4.67 13.56 14.89
CA ILE A 24 -5.90 14.46 14.82
C ILE A 24 -6.70 13.88 13.68
N ALA A 25 -8.01 13.66 13.97
CA ALA A 25 -8.86 13.11 12.96
C ALA A 25 -9.26 14.11 11.88
N LYS A 26 -9.59 13.64 10.69
CA LYS A 26 -10.15 14.54 9.65
C LYS A 26 -11.39 15.27 10.14
N ASN A 27 -11.53 16.53 9.68
CA ASN A 27 -12.66 17.41 9.94
C ASN A 27 -12.73 17.84 11.38
N THR A 28 -11.62 17.65 12.12
CA THR A 28 -11.55 18.23 13.46
C THR A 28 -11.55 19.76 13.40
N THR A 29 -12.36 20.43 14.23
CA THR A 29 -12.28 21.87 14.25
C THR A 29 -10.86 22.35 14.70
N ILE A 30 -10.44 23.49 14.13
CA ILE A 30 -9.30 24.25 14.50
C ILE A 30 -9.67 25.51 15.29
N PRO A 31 -8.92 25.84 16.37
CA PRO A 31 -7.65 25.22 16.78
C PRO A 31 -7.96 23.92 17.57
N THR A 32 -6.94 23.11 17.66
CA THR A 32 -7.08 21.87 18.37
C THR A 32 -5.69 21.38 18.79
N LYS A 33 -5.65 20.49 19.78
CA LYS A 33 -4.37 19.86 20.17
C LYS A 33 -4.65 18.45 20.61
N HIS A 34 -3.70 17.54 20.35
CA HIS A 34 -3.82 16.25 20.96
C HIS A 34 -2.40 15.68 21.18
N SER A 35 -2.17 14.89 22.22
CA SER A 35 -0.84 14.25 22.55
C SER A 35 -1.11 12.80 22.71
N GLN A 36 -0.06 12.07 22.42
CA GLN A 36 -0.06 10.60 22.61
C GLN A 36 1.38 10.16 22.97
N VAL A 37 1.52 9.24 23.95
CA VAL A 37 2.86 8.71 24.27
C VAL A 37 3.20 7.50 23.36
N PHE A 38 4.37 7.53 22.84
CA PHE A 38 4.86 6.46 22.02
C PHE A 38 6.12 5.89 22.68
N SER A 39 6.48 4.71 22.28
CA SER A 39 7.72 4.11 22.75
C SER A 39 8.52 3.50 21.63
N THR A 40 9.51 2.81 22.07
CA THR A 40 10.46 2.14 21.12
C THR A 40 10.16 0.60 21.00
N ALA A 41 10.38 0.05 19.78
CA ALA A 41 10.15 -1.42 19.55
C ALA A 41 11.19 -2.38 19.87
N GLU A 42 12.44 -1.91 19.94
CA GLU A 42 13.52 -2.77 20.22
C GLU A 42 14.35 -2.18 21.34
N ASP A 43 15.07 -3.03 22.01
CA ASP A 43 16.00 -2.61 23.02
C ASP A 43 17.07 -1.64 22.51
N ASN A 44 17.42 -0.71 23.39
CA ASN A 44 18.59 0.16 23.22
C ASN A 44 18.54 1.18 22.14
N GLN A 45 17.32 1.56 21.75
CA GLN A 45 17.15 2.57 20.71
C GLN A 45 17.35 3.94 21.27
N SER A 46 18.31 4.72 20.80
CA SER A 46 18.57 6.00 21.47
CA SER A 46 18.60 6.01 21.43
C SER A 46 18.15 7.19 20.60
N ALA A 47 17.69 6.90 19.40
CA ALA A 47 17.33 7.94 18.41
C ALA A 47 16.08 7.47 17.72
N VAL A 48 15.18 8.40 17.54
CA VAL A 48 13.92 8.10 16.87
C VAL A 48 13.63 9.19 15.89
N THR A 49 12.75 8.87 14.94
CA THR A 49 12.37 9.87 13.91
C THR A 49 10.84 10.03 13.93
N ILE A 50 10.36 11.27 13.93
CA ILE A 50 8.89 11.62 13.90
C ILE A 50 8.61 12.11 12.44
N HIS A 51 7.90 11.31 11.67
CA HIS A 51 7.60 11.65 10.34
C HIS A 51 6.11 12.00 10.34
N VAL A 52 5.89 13.26 9.96
CA VAL A 52 4.53 13.84 10.05
C VAL A 52 3.80 13.62 8.73
N LEU A 53 2.56 13.14 8.82
CA LEU A 53 1.79 12.74 7.65
C LEU A 53 0.39 13.33 7.61
N GLN A 54 -0.13 13.57 6.42
CA GLN A 54 -1.56 14.00 6.31
C GLN A 54 -2.25 13.02 5.37
N GLY A 55 -3.48 12.58 5.73
CA GLY A 55 -4.15 11.64 4.81
C GLY A 55 -4.93 10.56 5.57
N GLU A 56 -5.55 9.76 4.76
CA GLU A 56 -6.47 8.76 5.23
C GLU A 56 -6.10 7.33 4.95
N ARG A 57 -4.87 7.10 4.48
CA ARG A 57 -4.52 5.75 4.16
C ARG A 57 -3.70 5.13 5.28
N LYS A 58 -3.77 3.81 5.40
CA LYS A 58 -3.08 3.13 6.55
C LYS A 58 -1.60 2.94 6.29
N ARG A 59 -1.27 2.82 5.01
CA ARG A 59 0.20 2.69 4.67
C ARG A 59 0.73 4.14 4.78
N ALA A 60 1.71 4.36 5.65
CA ALA A 60 2.33 5.66 5.75
C ALA A 60 2.71 6.18 4.35
N ALA A 61 3.28 5.28 3.53
CA ALA A 61 3.77 5.68 2.25
C ALA A 61 2.82 6.28 1.26
N ASP A 62 1.52 6.06 1.49
CA ASP A 62 0.48 6.57 0.59
C ASP A 62 -0.05 7.93 1.05
N ASN A 63 0.43 8.41 2.22
CA ASN A 63 -0.09 9.71 2.68
C ASN A 63 0.87 10.82 2.25
N LYS A 64 0.49 12.06 2.51
CA LYS A 64 1.30 13.22 2.18
C LYS A 64 2.27 13.50 3.29
N SER A 65 3.57 13.50 2.96
CA SER A 65 4.54 13.85 4.00
C SER A 65 4.55 15.35 4.27
N LEU A 66 4.50 15.77 5.55
CA LEU A 66 4.50 17.24 5.89
C LEU A 66 5.83 17.68 6.44
N GLY A 67 6.63 16.72 6.73
CA GLY A 67 7.98 17.01 7.33
C GLY A 67 8.37 15.96 8.34
N GLN A 68 9.63 16.07 8.78
CA GLN A 68 10.10 15.16 9.79
C GLN A 68 11.16 15.74 10.67
N PHE A 69 11.38 15.11 11.82
CA PHE A 69 12.54 15.51 12.64
C PHE A 69 12.94 14.32 13.44
N ASN A 70 14.19 14.39 13.92
CA ASN A 70 14.67 13.37 14.86
C ASN A 70 14.74 13.83 16.33
N LEU A 71 14.63 12.87 17.22
CA LEU A 71 14.90 13.02 18.66
C LEU A 71 15.97 12.07 19.04
N ASP A 72 17.06 12.62 19.57
CA ASP A 72 18.34 11.96 19.83
CA ASP A 72 18.15 11.68 19.94
C ASP A 72 18.60 11.94 21.39
N GLY A 73 19.54 11.10 21.89
CA GLY A 73 19.95 11.15 23.32
C GLY A 73 19.17 10.39 24.35
N ILE A 74 18.21 9.60 23.90
CA ILE A 74 17.35 8.82 24.75
C ILE A 74 18.27 7.74 25.34
N ASN A 75 18.10 7.57 26.63
CA ASN A 75 18.99 6.58 27.31
C ASN A 75 18.65 5.22 26.76
N PRO A 76 19.61 4.40 26.34
CA PRO A 76 19.36 3.08 25.75
C PRO A 76 18.74 2.17 26.77
N ALA A 77 17.49 1.76 26.47
CA ALA A 77 16.70 1.09 27.44
C ALA A 77 15.90 -0.03 26.75
N PRO A 78 15.21 -0.86 27.54
CA PRO A 78 14.45 -1.95 26.93
C PRO A 78 13.28 -1.43 26.07
N ARG A 79 12.93 -2.25 25.07
CA ARG A 79 11.78 -2.04 24.26
C ARG A 79 10.54 -1.66 25.13
N GLY A 80 9.90 -0.57 24.79
CA GLY A 80 8.63 -0.21 25.44
C GLY A 80 8.83 0.64 26.69
N MET A 81 10.09 0.84 27.07
CA MET A 81 10.38 1.67 28.25
C MET A 81 10.39 3.15 27.99
N PRO A 82 11.08 3.66 26.97
CA PRO A 82 11.01 5.12 26.74
C PRO A 82 9.56 5.60 26.65
N GLN A 83 9.29 6.77 27.22
CA GLN A 83 7.96 7.35 27.07
C GLN A 83 8.09 8.66 26.30
N ILE A 84 7.78 8.70 25.01
CA ILE A 84 8.07 9.86 24.23
C ILE A 84 6.69 10.46 23.92
N GLU A 85 6.38 11.64 24.44
CA GLU A 85 5.10 12.22 24.22
C GLU A 85 5.16 13.04 22.92
N VAL A 86 4.15 12.78 22.04
CA VAL A 86 4.07 13.51 20.73
C VAL A 86 2.82 14.36 20.81
N THR A 87 2.94 15.67 20.51
CA THR A 87 1.85 16.59 20.66
C THR A 87 1.70 17.25 19.30
N PHE A 88 0.51 17.18 18.79
CA PHE A 88 0.15 17.99 17.60
C PHE A 88 -0.70 19.10 18.04
N ASP A 89 -0.41 20.31 17.61
CA ASP A 89 -1.26 21.43 17.97
C ASP A 89 -1.43 22.27 16.71
N ILE A 90 -2.70 22.60 16.39
CA ILE A 90 -2.94 23.45 15.24
C ILE A 90 -3.55 24.73 15.79
N ASP A 91 -2.95 25.84 15.47
CA ASP A 91 -3.55 27.10 15.94
C ASP A 91 -4.65 27.64 15.01
N ALA A 92 -5.26 28.77 15.42
CA ALA A 92 -6.37 29.31 14.73
C ALA A 92 -6.05 29.74 13.33
N ASP A 93 -4.75 30.00 13.06
CA ASP A 93 -4.35 30.37 11.70
C ASP A 93 -3.94 29.12 10.90
N GLY A 94 -4.17 27.89 11.41
CA GLY A 94 -3.86 26.66 10.56
C GLY A 94 -2.44 26.24 10.63
N ILE A 95 -1.66 26.88 11.48
CA ILE A 95 -0.26 26.49 11.63
C ILE A 95 -0.17 25.25 12.52
N LEU A 96 0.55 24.21 12.05
CA LEU A 96 0.61 22.96 12.79
C LEU A 96 1.94 22.94 13.56
N HIS A 97 1.92 22.71 14.87
CA HIS A 97 3.15 22.58 15.64
C HIS A 97 3.24 21.14 16.10
N VAL A 98 4.37 20.45 15.79
CA VAL A 98 4.51 19.04 16.24
C VAL A 98 5.75 18.97 17.14
N SER A 99 5.60 18.38 18.33
CA SER A 99 6.77 18.23 19.23
C SER A 99 6.84 16.79 19.69
N ALA A 100 8.07 16.36 20.06
CA ALA A 100 8.25 15.07 20.72
C ALA A 100 9.16 15.27 21.91
N LYS A 101 8.81 14.72 23.08
CA LYS A 101 9.63 14.92 24.27
C LYS A 101 9.77 13.62 25.01
N ASP A 102 11.04 13.24 25.22
CA ASP A 102 11.28 12.02 25.98
C ASP A 102 11.21 12.30 27.49
N LYS A 103 10.28 11.64 28.18
CA LYS A 103 10.04 11.97 29.60
C LYS A 103 11.25 11.69 30.50
N ASN A 104 12.01 10.63 30.26
CA ASN A 104 13.11 10.34 31.17
C ASN A 104 14.20 11.40 31.03
N SER A 105 14.57 11.69 29.79
CA SER A 105 15.72 12.56 29.62
C SER A 105 15.38 14.01 29.51
N GLY A 106 14.08 14.31 29.30
CA GLY A 106 13.58 15.59 29.02
C GLY A 106 14.03 16.16 27.62
N LYS A 107 14.69 15.36 26.81
CA LYS A 107 15.09 15.88 25.51
C LYS A 107 13.84 16.13 24.67
N GLU A 108 13.85 17.23 23.92
CA GLU A 108 12.68 17.61 23.14
C GLU A 108 13.10 18.08 21.74
N GLN A 109 12.26 17.88 20.76
CA GLN A 109 12.54 18.50 19.43
C GLN A 109 11.15 18.84 18.86
N LYS A 110 11.11 19.77 17.90
CA LYS A 110 9.82 20.27 17.35
C LYS A 110 9.99 20.75 15.91
N ILE A 111 8.88 20.83 15.18
CA ILE A 111 8.81 21.46 13.84
C ILE A 111 7.52 22.28 13.75
N THR A 112 7.57 23.30 12.89
CA THR A 112 6.41 24.14 12.59
C THR A 112 6.14 23.87 11.11
N ILE A 113 4.85 23.62 10.80
CA ILE A 113 4.42 23.34 9.44
C ILE A 113 3.34 24.40 9.08
N LYS A 114 3.66 25.09 7.98
CA LYS A 114 2.77 26.19 7.63
C LYS A 114 1.37 25.72 7.11
N ALA A 115 0.36 26.58 7.31
CA ALA A 115 -1.00 26.22 7.04
C ALA A 115 -1.28 25.94 5.60
N SER A 116 -0.46 26.47 4.68
CA SER A 116 -0.70 26.21 3.25
C SER A 116 -0.11 24.85 2.83
N SER A 117 0.67 24.18 3.68
CA SER A 117 1.23 22.81 3.40
C SER A 117 0.15 21.75 3.14
N GLY A 118 0.67 20.61 2.59
CA GLY A 118 -0.29 19.49 2.38
C GLY A 118 -1.10 19.54 1.12
N LEU A 119 -2.22 18.81 1.12
CA LEU A 119 -2.94 18.56 -0.12
C LEU A 119 -3.99 19.62 -0.38
N ASN A 120 -4.24 19.94 -1.68
CA ASN A 120 -5.30 20.98 -2.01
C ASN A 120 -6.64 20.33 -2.12
N GLU A 121 -7.63 21.16 -2.36
CA GLU A 121 -9.04 20.67 -2.37
C GLU A 121 -9.22 19.40 -3.24
N ASP A 122 -8.74 19.44 -4.47
CA ASP A 122 -8.87 18.28 -5.38
CA ASP A 122 -8.86 18.27 -5.40
C ASP A 122 -8.16 17.04 -4.85
N GLU A 123 -6.96 17.22 -4.30
CA GLU A 123 -6.18 16.07 -3.80
C GLU A 123 -6.87 15.54 -2.51
N ILE A 124 -7.42 16.43 -1.70
CA ILE A 124 -8.26 16.06 -0.50
C ILE A 124 -9.44 15.17 -0.83
N GLN A 125 -10.16 15.56 -1.87
CA GLN A 125 -11.28 14.72 -2.32
C GLN A 125 -10.79 13.38 -2.86
N LYS A 126 -9.72 13.45 -3.59
CA LYS A 126 -9.17 12.23 -4.18
C LYS A 126 -8.72 11.29 -3.06
N MET A 127 -8.07 11.83 -2.03
CA MET A 127 -7.59 11.07 -0.91
C MET A 127 -8.75 10.37 -0.22
N VAL A 128 -9.86 11.09 0.10
CA VAL A 128 -10.96 10.45 0.69
C VAL A 128 -11.57 9.37 -0.23
N ARG A 129 -11.70 9.63 -1.53
CA ARG A 129 -12.18 8.55 -2.44
C ARG A 129 -11.26 7.32 -2.51
N ASP A 130 -9.96 7.59 -2.47
CA ASP A 130 -8.98 6.47 -2.56
C ASP A 130 -9.01 5.64 -1.27
N ALA A 131 -9.16 6.30 -0.11
CA ALA A 131 -9.21 5.57 1.11
C ALA A 131 -10.49 4.72 1.22
N GLU A 132 -11.60 5.23 0.65
CA GLU A 132 -12.84 4.44 0.70
C GLU A 132 -12.69 3.25 -0.27
N ALA A 133 -12.02 3.45 -1.44
CA ALA A 133 -11.93 2.35 -2.43
C ALA A 133 -10.98 1.27 -1.91
N ASN A 134 -10.14 1.64 -0.95
CA ASN A 134 -9.10 0.74 -0.45
C ASN A 134 -9.29 0.41 0.99
N ALA A 135 -10.50 0.54 1.50
CA ALA A 135 -10.71 0.39 2.93
C ALA A 135 -10.39 -1.02 3.39
N GLU A 136 -10.89 -2.02 2.65
CA GLU A 136 -10.59 -3.41 3.04
C GLU A 136 -9.09 -3.71 2.96
N ALA A 137 -8.46 -3.28 1.86
CA ALA A 137 -7.05 -3.54 1.73
C ALA A 137 -6.25 -2.86 2.80
N ASP A 138 -6.64 -1.63 3.15
CA ASP A 138 -5.85 -0.96 4.18
C ASP A 138 -6.01 -1.67 5.55
N ARG A 139 -7.22 -2.19 5.84
CA ARG A 139 -7.48 -2.94 7.09
C ARG A 139 -6.68 -4.17 7.15
N LYS A 140 -6.54 -4.82 5.99
CA LYS A 140 -5.77 -6.05 5.97
C LYS A 140 -4.31 -5.70 6.17
N PHE A 141 -3.86 -4.58 5.54
CA PHE A 141 -2.48 -4.13 5.79
C PHE A 141 -2.22 -3.88 7.26
N GLU A 142 -3.09 -3.16 7.95
CA GLU A 142 -2.88 -2.90 9.35
C GLU A 142 -2.83 -4.19 10.20
N GLU A 143 -3.73 -5.12 9.91
CA GLU A 143 -3.69 -6.45 10.57
CA GLU A 143 -3.67 -6.44 10.57
C GLU A 143 -2.37 -7.20 10.27
N LEU A 144 -1.87 -7.20 9.00
CA LEU A 144 -0.57 -7.80 8.71
C LEU A 144 0.50 -7.16 9.50
N VAL A 145 0.50 -5.82 9.59
CA VAL A 145 1.57 -5.17 10.33
C VAL A 145 1.50 -5.49 11.82
N GLN A 146 0.28 -5.51 12.41
CA GLN A 146 0.22 -5.92 13.79
C GLN A 146 0.79 -7.33 14.02
N THR A 147 0.50 -8.23 13.11
CA THR A 147 1.09 -9.61 13.21
C THR A 147 2.56 -9.69 13.01
N ARG A 148 3.05 -8.92 12.06
CA ARG A 148 4.47 -8.83 11.79
C ARG A 148 5.21 -8.28 12.98
N ASN A 149 4.64 -7.25 13.62
CA ASN A 149 5.39 -6.63 14.69
C ASN A 149 5.38 -7.59 15.87
N GLN A 150 4.33 -8.39 16.07
CA GLN A 150 4.30 -9.40 17.11
C GLN A 150 5.27 -10.52 16.86
N GLY A 151 5.27 -10.92 15.61
CA GLY A 151 6.13 -12.00 15.24
C GLY A 151 7.58 -11.58 15.39
N ASP A 152 7.91 -10.35 15.05
CA ASP A 152 9.26 -9.82 15.18
C ASP A 152 9.69 -9.91 16.63
N HIS A 153 8.76 -9.55 17.53
CA HIS A 153 9.11 -9.58 18.94
C HIS A 153 9.36 -11.00 19.39
N LEU A 154 8.56 -11.93 18.89
CA LEU A 154 8.66 -13.35 19.29
C LEU A 154 10.01 -13.96 18.84
N LEU A 155 10.47 -13.56 17.69
CA LEU A 155 11.76 -14.01 17.18
C LEU A 155 12.85 -13.51 18.15
N HIS A 156 12.86 -12.22 18.42
CA HIS A 156 13.83 -11.65 19.33
C HIS A 156 13.78 -12.28 20.72
N SER A 157 12.60 -12.37 21.31
CA SER A 157 12.50 -12.87 22.68
C SER A 157 12.82 -14.36 22.77
N THR A 158 12.58 -15.12 21.71
CA THR A 158 12.96 -16.51 21.65
C THR A 158 14.47 -16.66 21.54
N ARG A 159 15.12 -15.93 20.64
CA ARG A 159 16.59 -16.03 20.50
C ARG A 159 17.33 -15.66 21.79
N LYS A 160 16.87 -14.60 22.46
CA LYS A 160 17.32 -14.23 23.82
C LYS A 160 17.16 -15.37 24.87
N GLN A 161 16.01 -16.05 24.89
CA GLN A 161 15.83 -17.22 25.74
C GLN A 161 16.72 -18.41 25.38
N VAL A 162 16.88 -18.67 24.08
CA VAL A 162 17.80 -19.75 23.69
C VAL A 162 19.21 -19.47 24.23
N GLU A 163 19.72 -18.26 23.95
CA GLU A 163 20.99 -17.80 24.51
C GLU A 163 21.13 -17.98 26.04
N GLU A 164 20.11 -17.60 26.81
CA GLU A 164 20.22 -17.70 28.27
C GLU A 164 19.83 -19.05 28.91
N ALA A 165 19.17 -19.92 28.17
CA ALA A 165 18.99 -21.30 28.62
C ALA A 165 20.33 -22.03 28.55
N GLY A 166 21.10 -21.76 27.48
CA GLY A 166 22.41 -22.37 27.23
C GLY A 166 22.38 -23.90 27.24
N ASP A 167 23.19 -24.47 28.12
CA ASP A 167 23.27 -25.91 28.38
C ASP A 167 21.96 -26.55 28.81
N LYS A 168 21.14 -25.79 29.55
CA LYS A 168 19.92 -26.34 30.16
C LYS A 168 18.89 -26.79 29.08
N LEU A 169 19.07 -26.28 27.85
CA LEU A 169 18.26 -26.67 26.69
C LEU A 169 18.80 -27.90 25.93
N PRO A 170 18.01 -29.00 25.89
CA PRO A 170 18.46 -30.18 25.14
C PRO A 170 18.69 -29.89 23.65
N ALA A 171 19.74 -30.52 23.08
CA ALA A 171 20.19 -30.29 21.68
C ALA A 171 19.06 -30.40 20.69
N ASP A 172 18.35 -31.52 20.73
CA ASP A 172 17.15 -31.74 19.91
C ASP A 172 16.07 -30.62 20.01
N ASP A 173 15.83 -30.09 21.22
CA ASP A 173 14.94 -28.93 21.42
C ASP A 173 15.48 -27.71 20.72
N LYS A 174 16.77 -27.42 20.93
CA LYS A 174 17.41 -26.25 20.30
C LYS A 174 17.44 -26.37 18.77
N THR A 175 17.71 -27.56 18.26
CA THR A 175 17.55 -27.82 16.82
C THR A 175 16.12 -27.49 16.31
N ALA A 176 15.11 -27.96 17.01
CA ALA A 176 13.73 -27.75 16.55
C ALA A 176 13.38 -26.26 16.60
N ILE A 177 13.81 -25.59 17.66
CA ILE A 177 13.48 -24.21 17.86
C ILE A 177 14.17 -23.40 16.76
N GLU A 178 15.43 -23.76 16.49
CA GLU A 178 16.22 -23.00 15.52
C GLU A 178 15.60 -23.02 14.15
N SER A 179 15.15 -24.20 13.74
CA SER A 179 14.46 -24.40 12.48
C SER A 179 13.06 -23.64 12.44
N ALA A 180 12.36 -23.60 13.57
CA ALA A 180 11.07 -22.86 13.64
C ALA A 180 11.27 -21.33 13.61
N LEU A 181 12.40 -20.88 14.13
CA LEU A 181 12.70 -19.44 14.09
C LEU A 181 13.02 -19.05 12.64
N THR A 182 13.76 -19.90 11.95
CA THR A 182 14.09 -19.65 10.56
C THR A 182 12.78 -19.51 9.77
N ALA A 183 11.84 -20.46 9.98
CA ALA A 183 10.60 -20.45 9.19
C ALA A 183 9.78 -19.21 9.49
N LEU A 184 9.85 -18.81 10.72
CA LEU A 184 9.02 -17.66 11.13
C LEU A 184 9.63 -16.40 10.52
N GLU A 185 10.98 -16.34 10.54
CA GLU A 185 11.67 -15.19 9.95
C GLU A 185 11.35 -15.09 8.45
N THR A 186 11.25 -16.23 7.80
CA THR A 186 10.85 -16.18 6.38
C THR A 186 9.46 -15.70 6.17
N ALA A 187 8.48 -16.22 6.97
CA ALA A 187 7.06 -15.87 6.80
C ALA A 187 6.85 -14.40 7.10
N LEU A 188 7.57 -13.85 8.09
CA LEU A 188 7.42 -12.43 8.36
C LEU A 188 7.70 -11.48 7.21
N LYS A 189 8.52 -11.94 6.28
CA LYS A 189 8.88 -11.10 5.09
C LYS A 189 7.76 -11.10 4.07
N GLY A 190 6.83 -12.05 4.14
CA GLY A 190 5.73 -12.07 3.19
C GLY A 190 4.53 -11.31 3.71
N GLU A 191 3.43 -11.40 3.00
CA GLU A 191 2.23 -10.61 3.29
C GLU A 191 0.99 -11.48 3.57
N ASP A 192 1.22 -12.68 4.09
CA ASP A 192 0.13 -13.61 4.43
C ASP A 192 0.13 -13.70 5.96
N LYS A 193 -0.86 -13.04 6.61
CA LYS A 193 -0.92 -13.03 8.05
C LYS A 193 -1.03 -14.44 8.62
N ALA A 194 -1.92 -15.24 8.03
CA ALA A 194 -2.13 -16.55 8.62
C ALA A 194 -0.85 -17.41 8.52
N ALA A 195 -0.06 -17.27 7.42
CA ALA A 195 1.21 -17.95 7.40
C ALA A 195 2.18 -17.60 8.52
N ILE A 196 2.22 -16.33 8.88
CA ILE A 196 3.00 -15.90 9.99
C ILE A 196 2.44 -16.48 11.32
N GLU A 197 1.16 -16.40 11.55
CA GLU A 197 0.59 -16.92 12.78
C GLU A 197 0.88 -18.43 12.86
N ALA A 198 0.83 -19.14 11.71
CA ALA A 198 1.01 -20.60 11.68
C ALA A 198 2.45 -20.86 12.08
N LYS A 199 3.37 -20.03 11.59
CA LYS A 199 4.76 -20.23 11.99
C LYS A 199 5.07 -19.91 13.48
N MET A 200 4.38 -18.92 14.03
CA MET A 200 4.44 -18.65 15.46
C MET A 200 3.95 -19.89 16.23
N GLN A 201 2.83 -20.47 15.80
CA GLN A 201 2.28 -21.68 16.42
C GLN A 201 3.25 -22.85 16.35
N GLU A 202 3.89 -23.08 15.21
CA GLU A 202 4.83 -24.18 15.10
C GLU A 202 5.98 -23.89 16.05
N LEU A 203 6.37 -22.63 16.20
CA LEU A 203 7.50 -22.32 17.10
C LEU A 203 7.12 -22.54 18.56
N ALA A 204 5.90 -22.17 18.93
CA ALA A 204 5.47 -22.39 20.31
C ALA A 204 5.49 -23.90 20.59
N GLN A 205 5.08 -24.70 19.61
CA GLN A 205 4.96 -26.16 19.84
C GLN A 205 6.29 -26.80 20.10
N VAL A 206 7.37 -26.18 19.62
CA VAL A 206 8.70 -26.76 19.87
C VAL A 206 9.42 -26.03 21.03
N SER A 207 8.75 -25.09 21.69
CA SER A 207 9.42 -24.21 22.63
C SER A 207 9.17 -24.53 24.10
N GLN A 208 8.45 -25.63 24.36
CA GLN A 208 7.86 -25.83 25.69
C GLN A 208 8.85 -25.96 26.84
N LYS A 209 9.96 -26.67 26.60
CA LYS A 209 11.07 -26.85 27.54
C LYS A 209 11.76 -25.50 27.73
N LEU A 210 11.94 -24.77 26.63
CA LEU A 210 12.57 -23.45 26.68
C LEU A 210 11.77 -22.49 27.56
N MET A 211 10.46 -22.64 27.61
CA MET A 211 9.71 -21.86 28.58
C MET A 211 9.33 -22.55 29.88
N GLU A 212 9.73 -23.83 30.05
CA GLU A 212 9.81 -24.45 31.38
C GLU A 212 10.79 -23.63 32.20
N ILE A 213 11.91 -23.27 31.58
CA ILE A 213 12.73 -22.14 32.03
C ILE A 213 12.33 -20.88 31.26
N VAL B 1 34.14 4.07 -16.12
CA VAL B 1 33.68 4.95 -14.96
C VAL B 1 33.47 4.17 -13.70
N LEU B 2 33.53 4.83 -12.51
CA LEU B 2 33.27 4.19 -11.26
C LEU B 2 31.98 4.75 -10.62
N LEU B 3 31.49 5.72 -11.34
CA LEU B 3 30.28 6.38 -10.94
C LEU B 3 29.28 6.57 -12.05
N LEU B 4 27.99 6.25 -11.83
CA LEU B 4 26.98 6.51 -12.86
C LEU B 4 25.80 7.05 -12.11
N ASP B 5 25.19 8.10 -12.67
CA ASP B 5 23.92 8.67 -12.09
C ASP B 5 22.74 7.93 -12.72
N VAL B 6 21.94 7.27 -11.84
CA VAL B 6 20.89 6.34 -12.34
C VAL B 6 19.63 6.51 -11.54
N THR B 7 18.55 6.03 -12.09
CA THR B 7 17.28 6.03 -11.26
C THR B 7 17.47 4.72 -10.40
N PRO B 8 17.34 4.81 -9.07
CA PRO B 8 17.67 3.69 -8.21
C PRO B 8 16.66 2.53 -8.15
N LEU B 9 15.42 2.88 -8.48
CA LEU B 9 14.38 1.90 -8.50
C LEU B 9 13.54 2.05 -9.78
N SER B 10 12.90 0.95 -10.16
CA SER B 10 12.04 0.90 -11.35
C SER B 10 10.86 1.94 -11.14
N LEU B 11 10.42 2.42 -12.26
CA LEU B 11 9.35 3.41 -12.36
C LEU B 11 8.32 2.93 -13.30
N GLY B 12 7.06 3.11 -12.89
CA GLY B 12 5.99 2.46 -13.71
C GLY B 12 4.64 2.99 -13.25
N ILE B 13 3.63 2.28 -13.71
CA ILE B 13 2.19 2.67 -13.46
C ILE B 13 1.48 1.42 -12.94
N GLU B 14 0.31 1.70 -12.33
CA GLU B 14 -0.65 0.63 -11.87
C GLU B 14 -1.52 0.25 -13.02
N THR B 15 -1.61 -1.06 -13.26
CA THR B 15 -2.46 -1.60 -14.32
C THR B 15 -3.49 -2.49 -13.62
N MET B 16 -4.47 -2.91 -14.42
CA MET B 16 -5.68 -3.59 -13.90
C MET B 16 -5.33 -4.77 -12.95
N GLY B 17 -5.95 -4.74 -11.78
CA GLY B 17 -5.75 -5.80 -10.81
C GLY B 17 -4.73 -5.39 -9.75
N GLY B 18 -4.23 -4.14 -9.78
CA GLY B 18 -3.27 -3.79 -8.73
C GLY B 18 -1.85 -4.19 -9.04
N VAL B 19 -1.54 -4.22 -10.34
CA VAL B 19 -0.18 -4.70 -10.74
C VAL B 19 0.71 -3.49 -11.08
N MET B 20 1.99 -3.53 -10.71
CA MET B 20 2.98 -2.59 -11.20
C MET B 20 3.44 -3.04 -12.58
N THR B 21 3.33 -2.14 -13.51
CA THR B 21 3.91 -2.37 -14.80
C THR B 21 4.99 -1.32 -14.99
N THR B 22 6.23 -1.79 -15.29
CA THR B 22 7.41 -0.96 -15.31
C THR B 22 7.60 -0.33 -16.68
N LEU B 23 7.84 1.00 -16.70
CA LEU B 23 8.25 1.76 -17.89
C LEU B 23 9.76 2.01 -17.89
N ILE B 24 10.41 2.23 -16.74
CA ILE B 24 11.89 2.42 -16.70
C ILE B 24 12.44 1.48 -15.63
N ALA B 25 13.38 0.63 -15.99
CA ALA B 25 13.95 -0.30 -15.01
C ALA B 25 14.92 0.34 -14.03
N LYS B 26 15.07 -0.28 -12.85
CA LYS B 26 15.97 0.26 -11.84
C LYS B 26 17.41 0.24 -12.49
N ASN B 27 18.21 1.23 -12.01
CA ASN B 27 19.59 1.40 -12.40
C ASN B 27 19.79 1.87 -13.79
N THR B 28 18.77 2.39 -14.44
CA THR B 28 18.91 2.99 -15.77
C THR B 28 19.60 4.34 -15.67
N THR B 29 20.62 4.51 -16.55
CA THR B 29 21.28 5.81 -16.54
C THR B 29 20.39 6.97 -17.01
N ILE B 30 20.47 8.09 -16.29
CA ILE B 30 19.89 9.34 -16.65
C ILE B 30 20.74 10.16 -17.62
N PRO B 31 20.08 10.92 -18.52
CA PRO B 31 18.61 11.07 -18.79
C PRO B 31 18.12 9.83 -19.60
N THR B 32 16.83 9.57 -19.52
CA THR B 32 16.27 8.40 -20.16
C THR B 32 14.80 8.66 -20.47
N LYS B 33 14.26 7.95 -21.46
CA LYS B 33 12.82 8.11 -21.75
C LYS B 33 12.30 6.80 -22.30
N HIS B 34 11.05 6.49 -22.01
CA HIS B 34 10.50 5.27 -22.58
C HIS B 34 8.96 5.44 -22.65
N SER B 35 8.34 4.86 -23.65
CA SER B 35 6.90 4.95 -23.87
C SER B 35 6.37 3.54 -24.08
N GLN B 36 5.11 3.36 -23.70
CA GLN B 36 4.40 2.10 -23.94
C GLN B 36 2.97 2.38 -24.15
N VAL B 37 2.29 1.57 -24.96
CA VAL B 37 0.82 1.76 -25.15
C VAL B 37 -0.01 0.87 -24.23
N PHE B 38 -1.08 1.47 -23.68
CA PHE B 38 -2.01 0.79 -22.77
C PHE B 38 -3.41 0.96 -23.28
N SER B 39 -4.34 0.20 -22.68
CA SER B 39 -5.72 0.38 -23.09
C SER B 39 -6.64 0.44 -21.89
N THR B 40 -7.94 0.41 -22.15
CA THR B 40 -8.95 0.45 -21.11
C THR B 40 -9.30 -0.96 -20.56
N ALA B 41 -9.66 -0.99 -19.28
CA ALA B 41 -10.01 -2.21 -18.59
C ALA B 41 -11.41 -2.72 -18.92
N GLU B 42 -12.35 -1.84 -19.19
CA GLU B 42 -13.79 -2.26 -19.37
C GLU B 42 -14.36 -1.56 -20.62
N ASP B 43 -15.34 -2.23 -21.22
CA ASP B 43 -16.08 -1.63 -22.34
C ASP B 43 -16.62 -0.23 -22.00
N ASN B 44 -16.45 0.65 -22.98
CA ASN B 44 -16.97 2.00 -23.00
C ASN B 44 -16.39 2.81 -21.91
N GLN B 45 -15.22 2.42 -21.40
CA GLN B 45 -14.66 3.24 -20.33
C GLN B 45 -14.25 4.61 -20.88
N SER B 46 -14.60 5.64 -20.13
CA SER B 46 -14.45 7.03 -20.60
C SER B 46 -13.21 7.75 -20.05
N ALA B 47 -12.57 7.17 -19.05
CA ALA B 47 -11.43 7.83 -18.47
C ALA B 47 -10.54 6.79 -17.86
N VAL B 48 -9.26 7.15 -17.71
CA VAL B 48 -8.30 6.24 -17.08
C VAL B 48 -7.54 7.04 -16.02
N THR B 49 -7.07 6.35 -14.97
CA THR B 49 -6.19 6.96 -14.02
C THR B 49 -4.76 6.45 -14.25
N ILE B 50 -3.79 7.38 -14.27
CA ILE B 50 -2.37 7.02 -14.38
C ILE B 50 -1.78 7.16 -12.96
N HIS B 51 -1.49 6.06 -12.30
N HIS B 51 -1.53 6.06 -12.29
CA HIS B 51 -0.94 6.12 -10.93
CA HIS B 51 -0.90 6.06 -10.92
C HIS B 51 0.52 5.78 -11.03
C HIS B 51 0.53 5.83 -11.22
N VAL B 52 1.36 6.81 -10.88
CA VAL B 52 2.76 6.68 -11.06
C VAL B 52 3.43 6.10 -9.78
N LEU B 53 4.24 5.05 -9.99
CA LEU B 53 4.86 4.24 -8.89
C LEU B 53 6.39 4.02 -9.01
N GLN B 54 7.07 3.93 -7.89
CA GLN B 54 8.54 3.64 -7.83
C GLN B 54 8.70 2.40 -6.96
N GLY B 55 9.34 1.39 -7.51
CA GLY B 55 9.56 0.23 -6.69
C GLY B 55 9.75 -1.02 -7.57
N GLU B 56 10.02 -2.10 -6.84
CA GLU B 56 10.38 -3.41 -7.46
C GLU B 56 9.35 -4.44 -7.27
N ARG B 57 8.24 -4.17 -6.53
CA ARG B 57 7.26 -5.21 -6.27
C ARG B 57 6.31 -5.29 -7.42
N LYS B 58 5.85 -6.52 -7.72
CA LYS B 58 4.71 -6.65 -8.66
C LYS B 58 3.32 -6.18 -8.15
N ARG B 59 3.08 -6.15 -6.82
CA ARG B 59 1.82 -5.58 -6.25
C ARG B 59 2.06 -4.05 -6.16
N ALA B 60 1.25 -3.33 -6.93
CA ALA B 60 1.30 -1.85 -7.03
C ALA B 60 1.21 -1.28 -5.60
N ALA B 61 0.41 -1.86 -4.68
CA ALA B 61 0.20 -1.32 -3.33
C ALA B 61 1.43 -1.25 -2.48
N ASP B 62 2.45 -2.11 -2.80
CA ASP B 62 3.68 -2.19 -2.04
C ASP B 62 4.78 -1.31 -2.63
N ASN B 63 4.48 -0.63 -3.73
CA ASN B 63 5.48 0.34 -4.28
C ASN B 63 5.05 1.74 -3.84
N LYS B 64 5.96 2.71 -4.01
CA LYS B 64 5.75 4.07 -3.57
C LYS B 64 5.03 4.89 -4.57
N SER B 65 3.90 5.46 -4.15
CA SER B 65 3.28 6.27 -5.16
CA SER B 65 3.15 6.36 -4.98
C SER B 65 3.94 7.65 -5.23
N LEU B 66 4.01 8.12 -6.48
CA LEU B 66 4.68 9.37 -6.80
C LEU B 66 3.76 10.44 -7.28
N GLY B 67 2.63 10.00 -7.75
CA GLY B 67 1.55 10.98 -8.10
C GLY B 67 0.59 10.30 -9.03
N GLN B 68 -0.49 10.98 -9.37
CA GLN B 68 -1.53 10.42 -10.19
C GLN B 68 -2.27 11.50 -10.95
N PHE B 69 -2.72 11.14 -12.15
CA PHE B 69 -3.61 12.03 -12.86
C PHE B 69 -4.56 11.22 -13.72
N ASN B 70 -5.63 11.85 -14.15
CA ASN B 70 -6.61 11.21 -15.02
C ASN B 70 -6.48 11.69 -16.46
N LEU B 71 -6.81 10.81 -17.37
CA LEU B 71 -7.05 11.21 -18.79
C LEU B 71 -8.51 10.84 -19.11
N ASP B 72 -9.32 11.86 -19.47
CA ASP B 72 -10.76 11.70 -19.75
C ASP B 72 -10.99 11.82 -21.24
N GLY B 73 -12.25 11.64 -21.64
CA GLY B 73 -12.58 11.91 -23.05
C GLY B 73 -12.30 10.73 -23.99
N ILE B 74 -12.18 9.54 -23.41
CA ILE B 74 -11.96 8.39 -24.26
C ILE B 74 -13.34 8.04 -24.88
N ASN B 75 -13.39 7.97 -26.22
CA ASN B 75 -14.60 7.60 -26.91
C ASN B 75 -15.02 6.14 -26.68
N PRO B 76 -16.34 5.86 -26.75
CA PRO B 76 -16.87 4.52 -26.54
C PRO B 76 -16.14 3.51 -27.43
N ALA B 77 -15.75 2.36 -26.85
CA ALA B 77 -15.16 1.30 -27.59
C ALA B 77 -15.08 0.10 -26.72
N PRO B 78 -14.92 -1.07 -27.31
CA PRO B 78 -14.67 -2.26 -26.51
C PRO B 78 -13.38 -2.12 -25.73
N ARG B 79 -13.40 -2.79 -24.58
CA ARG B 79 -12.14 -2.78 -23.81
C ARG B 79 -10.93 -3.29 -24.62
N GLY B 80 -9.76 -2.69 -24.37
CA GLY B 80 -8.60 -3.05 -25.06
C GLY B 80 -8.37 -2.39 -26.41
N MET B 81 -9.38 -1.66 -26.95
CA MET B 81 -9.18 -1.07 -28.24
CA MET B 81 -9.34 -0.96 -28.30
C MET B 81 -8.61 0.36 -28.23
N PRO B 82 -8.96 1.23 -27.22
CA PRO B 82 -8.33 2.56 -27.16
C PRO B 82 -6.80 2.39 -27.01
N GLN B 83 -6.04 3.33 -27.60
CA GLN B 83 -4.58 3.28 -27.52
C GLN B 83 -4.18 4.52 -26.72
N ILE B 84 -3.81 4.24 -25.46
CA ILE B 84 -3.39 5.29 -24.52
C ILE B 84 -1.82 5.17 -24.40
N GLU B 85 -1.09 6.13 -25.00
CA GLU B 85 0.35 6.06 -25.00
C GLU B 85 0.83 6.78 -23.75
N VAL B 86 1.56 6.05 -22.91
CA VAL B 86 2.12 6.63 -21.65
C VAL B 86 3.69 6.75 -21.87
N THR B 87 4.20 7.96 -21.64
CA THR B 87 5.63 8.25 -21.72
C THR B 87 6.18 8.71 -20.40
N PHE B 88 7.35 8.16 -20.01
CA PHE B 88 8.09 8.61 -18.83
C PHE B 88 9.31 9.19 -19.36
N ASP B 89 9.74 10.36 -18.95
CA ASP B 89 10.98 10.99 -19.43
C ASP B 89 11.62 11.58 -18.17
N ILE B 90 12.83 11.16 -17.85
CA ILE B 90 13.58 11.73 -16.76
C ILE B 90 14.69 12.52 -17.29
N ASP B 91 14.71 13.76 -16.93
CA ASP B 91 15.71 14.64 -17.49
C ASP B 91 17.02 14.60 -16.72
N ALA B 92 17.98 15.39 -17.20
CA ALA B 92 19.32 15.36 -16.57
C ALA B 92 19.29 15.88 -15.13
N ASP B 93 18.25 16.69 -14.83
CA ASP B 93 18.03 17.16 -13.47
C ASP B 93 17.25 16.20 -12.58
N GLY B 94 16.86 15.02 -13.09
CA GLY B 94 16.21 14.00 -12.27
C GLY B 94 14.73 14.29 -12.15
N ILE B 95 14.19 15.26 -12.92
CA ILE B 95 12.70 15.54 -12.85
C ILE B 95 12.03 14.51 -13.77
N LEU B 96 10.94 13.89 -13.29
CA LEU B 96 10.22 12.88 -14.06
C LEU B 96 9.02 13.50 -14.71
N HIS B 97 8.89 13.46 -16.04
CA HIS B 97 7.69 14.00 -16.69
C HIS B 97 6.92 12.76 -17.16
N VAL B 98 5.65 12.66 -16.82
CA VAL B 98 4.81 11.56 -17.24
C VAL B 98 3.66 12.10 -18.07
N SER B 99 3.42 11.56 -19.24
CA SER B 99 2.25 12.02 -20.03
C SER B 99 1.44 10.85 -20.47
N ALA B 100 0.15 11.06 -20.71
CA ALA B 100 -0.64 10.05 -21.37
C ALA B 100 -1.44 10.71 -22.48
N LYS B 101 -1.48 10.08 -23.64
CA LYS B 101 -2.19 10.59 -24.80
C LYS B 101 -3.09 9.48 -25.39
N ASP B 102 -4.31 9.85 -25.69
CA ASP B 102 -5.28 8.97 -26.37
C ASP B 102 -5.16 9.25 -27.86
N LYS B 103 -4.67 8.26 -28.61
CA LYS B 103 -4.46 8.40 -30.05
C LYS B 103 -5.73 8.72 -30.90
N ASN B 104 -6.88 8.20 -30.50
CA ASN B 104 -8.13 8.52 -31.18
C ASN B 104 -8.63 9.91 -30.86
N SER B 105 -8.77 10.28 -29.58
CA SER B 105 -9.38 11.54 -29.23
C SER B 105 -8.39 12.69 -29.40
N GLY B 106 -7.09 12.35 -29.39
CA GLY B 106 -6.01 13.31 -29.37
C GLY B 106 -5.77 14.01 -28.04
N LYS B 107 -6.56 13.70 -27.00
CA LYS B 107 -6.37 14.35 -25.71
C LYS B 107 -5.14 13.83 -24.99
N GLU B 108 -4.54 14.75 -24.23
CA GLU B 108 -3.35 14.41 -23.49
C GLU B 108 -3.40 15.08 -22.13
N GLN B 109 -2.83 14.41 -21.10
CA GLN B 109 -2.64 15.01 -19.78
C GLN B 109 -1.20 14.66 -19.38
N LYS B 110 -0.62 15.43 -18.45
CA LYS B 110 0.74 15.14 -18.00
C LYS B 110 0.91 15.57 -16.57
N ILE B 111 1.94 15.05 -15.94
CA ILE B 111 2.39 15.60 -14.65
C ILE B 111 3.86 15.71 -14.58
N THR B 112 4.30 16.53 -13.66
CA THR B 112 5.75 16.66 -13.45
C THR B 112 6.01 16.25 -11.98
N ILE B 113 7.05 15.43 -11.75
CA ILE B 113 7.37 14.89 -10.42
C ILE B 113 8.78 15.27 -10.09
N LYS B 114 8.98 16.02 -9.01
CA LYS B 114 10.33 16.52 -8.77
C LYS B 114 11.28 15.44 -8.30
N ALA B 115 12.58 15.73 -8.55
CA ALA B 115 13.68 14.78 -8.33
C ALA B 115 13.76 14.25 -6.90
N SER B 116 13.31 15.02 -5.90
CA SER B 116 13.43 14.51 -4.56
C SER B 116 12.31 13.56 -4.17
N SER B 117 11.32 13.40 -5.04
CA SER B 117 10.20 12.47 -4.76
C SER B 117 10.61 11.08 -4.48
N GLY B 118 9.72 10.32 -3.91
CA GLY B 118 9.88 8.91 -3.76
C GLY B 118 10.67 8.43 -2.54
N LEU B 119 11.38 7.29 -2.70
CA LEU B 119 11.94 6.65 -1.52
C LEU B 119 13.38 7.10 -1.28
N ASN B 120 13.76 7.20 0.00
CA ASN B 120 15.10 7.58 0.35
C ASN B 120 16.12 6.39 0.27
N GLU B 121 17.41 6.60 0.55
CA GLU B 121 18.34 5.45 0.45
C GLU B 121 18.02 4.26 1.33
N ASP B 122 17.58 4.48 2.56
CA ASP B 122 17.25 3.37 3.45
C ASP B 122 16.10 2.56 2.81
N GLU B 123 15.08 3.33 2.37
CA GLU B 123 13.94 2.67 1.79
C GLU B 123 14.22 1.95 0.46
N ILE B 124 15.18 2.48 -0.34
CA ILE B 124 15.59 1.85 -1.61
C ILE B 124 16.23 0.50 -1.30
N GLN B 125 17.12 0.46 -0.31
CA GLN B 125 17.78 -0.77 -0.05
C GLN B 125 16.78 -1.82 0.54
N LYS B 126 15.84 -1.34 1.34
CA LYS B 126 14.81 -2.25 1.83
C LYS B 126 13.87 -2.71 0.78
N MET B 127 13.53 -1.82 -0.17
CA MET B 127 12.69 -2.23 -1.27
C MET B 127 13.38 -3.35 -2.10
N VAL B 128 14.67 -3.25 -2.50
CA VAL B 128 15.28 -4.30 -3.30
C VAL B 128 15.31 -5.61 -2.52
N ARG B 129 15.61 -5.53 -1.21
CA ARG B 129 15.63 -6.74 -0.40
C ARG B 129 14.26 -7.39 -0.28
N ASP B 130 13.24 -6.52 -0.14
CA ASP B 130 11.83 -6.98 0.00
C ASP B 130 11.37 -7.67 -1.31
N ALA B 131 11.69 -7.07 -2.44
CA ALA B 131 11.29 -7.73 -3.71
C ALA B 131 12.06 -9.08 -3.89
N GLU B 132 13.34 -9.21 -3.46
CA GLU B 132 14.02 -10.51 -3.54
C GLU B 132 13.29 -11.55 -2.65
N ALA B 133 12.86 -11.10 -1.45
CA ALA B 133 12.20 -12.03 -0.53
C ALA B 133 10.87 -12.43 -1.06
N ASN B 134 10.19 -11.52 -1.79
CA ASN B 134 8.85 -11.81 -2.29
C ASN B 134 8.73 -12.20 -3.77
N ALA B 135 9.87 -12.56 -4.36
CA ALA B 135 9.91 -12.86 -5.81
C ALA B 135 8.89 -13.96 -6.16
N GLU B 136 8.89 -15.05 -5.41
CA GLU B 136 7.95 -16.14 -5.68
C GLU B 136 6.47 -15.79 -5.44
N ALA B 137 6.20 -15.12 -4.31
CA ALA B 137 4.86 -14.68 -4.01
C ALA B 137 4.36 -13.72 -5.12
N ASP B 138 5.26 -12.88 -5.60
CA ASP B 138 4.89 -11.94 -6.62
C ASP B 138 4.56 -12.58 -7.96
N ARG B 139 5.29 -13.62 -8.31
CA ARG B 139 4.95 -14.44 -9.53
C ARG B 139 3.57 -15.07 -9.33
N LYS B 140 3.32 -15.62 -8.14
CA LYS B 140 1.95 -16.17 -7.87
C LYS B 140 0.90 -15.11 -7.93
N PHE B 141 1.22 -13.91 -7.46
CA PHE B 141 0.24 -12.86 -7.50
C PHE B 141 -0.07 -12.48 -8.95
N GLU B 142 0.94 -12.39 -9.83
CA GLU B 142 0.69 -12.02 -11.27
C GLU B 142 -0.21 -13.09 -11.87
N GLU B 143 -0.08 -14.37 -11.49
CA GLU B 143 -1.06 -15.36 -12.02
C GLU B 143 -2.47 -15.19 -11.49
N LEU B 144 -2.59 -14.94 -10.16
CA LEU B 144 -3.88 -14.66 -9.60
C LEU B 144 -4.56 -13.47 -10.25
N VAL B 145 -3.79 -12.42 -10.59
CA VAL B 145 -4.41 -11.24 -11.27
C VAL B 145 -4.94 -11.57 -12.68
N GLN B 146 -4.28 -12.47 -13.39
CA GLN B 146 -4.83 -12.83 -14.71
C GLN B 146 -6.27 -13.37 -14.54
N THR B 147 -6.47 -14.20 -13.50
CA THR B 147 -7.76 -14.88 -13.33
C THR B 147 -8.71 -13.86 -12.81
N ARG B 148 -8.23 -13.01 -11.89
CA ARG B 148 -9.10 -11.99 -11.35
C ARG B 148 -9.63 -11.09 -12.45
N ASN B 149 -8.77 -10.72 -13.40
CA ASN B 149 -9.17 -9.81 -14.40
C ASN B 149 -10.19 -10.44 -15.36
N GLN B 150 -10.04 -11.75 -15.62
CA GLN B 150 -11.04 -12.47 -16.43
C GLN B 150 -12.32 -12.45 -15.69
N GLY B 151 -12.27 -12.68 -14.38
CA GLY B 151 -13.48 -12.73 -13.58
C GLY B 151 -14.20 -11.37 -13.61
N ASP B 152 -13.41 -10.30 -13.47
CA ASP B 152 -13.91 -8.92 -13.55
C ASP B 152 -14.55 -8.62 -14.90
N HIS B 153 -13.92 -9.07 -15.98
CA HIS B 153 -14.47 -8.89 -17.32
C HIS B 153 -15.82 -9.60 -17.53
N LEU B 154 -15.96 -10.81 -16.98
CA LEU B 154 -17.21 -11.53 -17.06
C LEU B 154 -18.29 -10.83 -16.24
N LEU B 155 -17.92 -10.35 -15.06
CA LEU B 155 -18.89 -9.68 -14.19
C LEU B 155 -19.47 -8.46 -14.94
N HIS B 156 -18.60 -7.70 -15.59
CA HIS B 156 -19.06 -6.51 -16.31
C HIS B 156 -19.88 -6.81 -17.56
N SER B 157 -19.38 -7.73 -18.39
CA SER B 157 -20.07 -8.14 -19.59
CA SER B 157 -20.05 -8.19 -19.58
C SER B 157 -21.45 -8.74 -19.26
N THR B 158 -21.56 -9.53 -18.18
CA THR B 158 -22.87 -10.10 -17.79
C THR B 158 -23.80 -8.99 -17.27
N ARG B 159 -23.27 -8.12 -16.43
CA ARG B 159 -24.07 -6.98 -15.94
C ARG B 159 -24.72 -6.13 -17.08
N LYS B 160 -23.94 -5.75 -18.10
CA LYS B 160 -24.42 -5.03 -19.30
C LYS B 160 -25.47 -5.84 -20.04
N GLN B 161 -25.20 -7.13 -20.21
CA GLN B 161 -26.10 -7.96 -20.96
C GLN B 161 -27.43 -8.04 -20.21
N VAL B 162 -27.36 -8.12 -18.87
CA VAL B 162 -28.61 -8.07 -18.08
C VAL B 162 -29.41 -6.79 -18.28
N GLU B 163 -28.73 -5.63 -18.23
CA GLU B 163 -29.43 -4.33 -18.41
C GLU B 163 -30.12 -4.25 -19.75
N GLU B 164 -29.34 -4.55 -20.79
CA GLU B 164 -29.79 -4.53 -22.21
C GLU B 164 -30.99 -5.43 -22.47
N ALA B 165 -30.97 -6.62 -21.85
CA ALA B 165 -32.03 -7.62 -21.95
C ALA B 165 -33.33 -7.15 -21.27
N GLY B 166 -33.22 -6.47 -20.14
CA GLY B 166 -34.41 -5.90 -19.46
C GLY B 166 -35.44 -6.99 -19.11
N ASP B 167 -36.73 -6.68 -19.33
CA ASP B 167 -37.81 -7.66 -18.98
C ASP B 167 -37.80 -8.91 -19.89
N LYS B 168 -37.05 -8.88 -21.01
CA LYS B 168 -36.97 -10.04 -21.94
C LYS B 168 -36.37 -11.29 -21.27
N LEU B 169 -35.52 -11.04 -20.27
CA LEU B 169 -34.87 -12.12 -19.50
C LEU B 169 -35.82 -12.62 -18.40
N PRO B 170 -36.15 -13.94 -18.39
CA PRO B 170 -37.13 -14.46 -17.40
C PRO B 170 -36.74 -14.18 -15.93
N ALA B 171 -37.74 -13.87 -15.10
CA ALA B 171 -37.58 -13.43 -13.71
C ALA B 171 -36.66 -14.33 -12.92
N ASP B 172 -36.86 -15.64 -13.06
CA ASP B 172 -36.03 -16.65 -12.37
C ASP B 172 -34.59 -16.76 -12.91
N ASP B 173 -34.43 -16.60 -14.23
CA ASP B 173 -33.09 -16.58 -14.83
C ASP B 173 -32.26 -15.40 -14.29
N LYS B 174 -32.90 -14.22 -14.13
CA LYS B 174 -32.27 -13.00 -13.52
C LYS B 174 -31.96 -13.24 -12.02
N THR B 175 -32.86 -13.93 -11.34
CA THR B 175 -32.65 -14.28 -9.96
C THR B 175 -31.35 -15.09 -9.79
N ALA B 176 -31.20 -16.14 -10.62
CA ALA B 176 -30.08 -17.07 -10.57
C ALA B 176 -28.84 -16.32 -10.98
N ILE B 177 -28.98 -15.47 -12.00
CA ILE B 177 -27.85 -14.68 -12.47
C ILE B 177 -27.33 -13.70 -11.40
N GLU B 178 -28.20 -13.04 -10.66
CA GLU B 178 -27.76 -12.13 -9.61
C GLU B 178 -27.03 -12.86 -8.45
N SER B 179 -27.49 -14.06 -8.08
CA SER B 179 -26.81 -14.80 -7.01
C SER B 179 -25.39 -15.15 -7.47
N ALA B 180 -25.32 -15.71 -8.68
CA ALA B 180 -24.04 -16.17 -9.22
C ALA B 180 -23.06 -14.98 -9.37
N LEU B 181 -23.56 -13.80 -9.72
CA LEU B 181 -22.73 -12.55 -9.74
C LEU B 181 -22.18 -12.16 -8.35
N THR B 182 -23.01 -12.15 -7.31
CA THR B 182 -22.49 -11.91 -5.96
C THR B 182 -21.44 -13.01 -5.63
N ALA B 183 -21.75 -14.27 -5.96
CA ALA B 183 -20.81 -15.33 -5.60
C ALA B 183 -19.46 -15.17 -6.30
N LEU B 184 -19.51 -14.73 -7.56
CA LEU B 184 -18.26 -14.44 -8.29
C LEU B 184 -17.48 -13.28 -7.69
N GLU B 185 -18.20 -12.21 -7.28
CA GLU B 185 -17.55 -11.05 -6.56
C GLU B 185 -16.81 -11.52 -5.30
N THR B 186 -17.41 -12.45 -4.54
CA THR B 186 -16.73 -12.99 -3.35
C THR B 186 -15.42 -13.76 -3.63
N ALA B 187 -15.46 -14.71 -4.58
CA ALA B 187 -14.27 -15.48 -4.97
C ALA B 187 -13.14 -14.53 -5.41
N LEU B 188 -13.49 -13.47 -6.14
CA LEU B 188 -12.49 -12.51 -6.64
C LEU B 188 -11.61 -11.89 -5.53
N LYS B 189 -12.20 -11.74 -4.35
CA LYS B 189 -11.49 -11.27 -3.16
C LYS B 189 -10.53 -12.29 -2.60
N GLY B 190 -10.73 -13.58 -2.88
CA GLY B 190 -9.81 -14.56 -2.37
C GLY B 190 -8.59 -14.71 -3.25
N GLU B 191 -7.70 -15.62 -2.85
CA GLU B 191 -6.45 -15.88 -3.57
C GLU B 191 -6.47 -17.22 -4.31
N ASP B 192 -7.64 -17.82 -4.42
CA ASP B 192 -7.72 -19.13 -5.02
C ASP B 192 -8.19 -19.03 -6.46
N LYS B 193 -7.28 -19.34 -7.38
CA LYS B 193 -7.58 -19.25 -8.82
C LYS B 193 -8.74 -20.16 -9.22
N ALA B 194 -8.68 -21.43 -8.81
CA ALA B 194 -9.70 -22.40 -9.18
C ALA B 194 -11.02 -21.95 -8.63
N ALA B 195 -11.01 -21.31 -7.45
CA ALA B 195 -12.28 -20.88 -6.86
C ALA B 195 -13.01 -19.82 -7.73
N ILE B 196 -12.22 -18.98 -8.37
CA ILE B 196 -12.69 -17.91 -9.16
C ILE B 196 -13.20 -18.50 -10.44
N GLU B 197 -12.42 -19.36 -11.09
CA GLU B 197 -12.90 -20.01 -12.27
C GLU B 197 -14.17 -20.80 -12.01
N ALA B 198 -14.27 -21.43 -10.84
CA ALA B 198 -15.44 -22.22 -10.52
C ALA B 198 -16.65 -21.32 -10.46
N LYS B 199 -16.48 -20.11 -9.92
CA LYS B 199 -17.69 -19.25 -9.87
C LYS B 199 -18.01 -18.64 -11.24
N MET B 200 -17.01 -18.44 -12.09
CA MET B 200 -17.27 -18.02 -13.49
C MET B 200 -18.12 -19.10 -14.16
N GLN B 201 -17.72 -20.36 -13.96
CA GLN B 201 -18.50 -21.49 -14.44
C GLN B 201 -19.99 -21.50 -13.97
N GLU B 202 -20.22 -21.20 -12.69
CA GLU B 202 -21.53 -21.31 -12.12
C GLU B 202 -22.36 -20.22 -12.71
N LEU B 203 -21.70 -19.14 -13.07
CA LEU B 203 -22.38 -18.04 -13.71
C LEU B 203 -22.78 -18.34 -15.16
N ALA B 204 -21.83 -18.83 -15.96
CA ALA B 204 -22.10 -19.27 -17.32
C ALA B 204 -23.30 -20.24 -17.37
N GLN B 205 -23.34 -21.18 -16.42
CA GLN B 205 -24.41 -22.18 -16.33
C GLN B 205 -25.81 -21.58 -16.14
N VAL B 206 -25.93 -20.42 -15.51
CA VAL B 206 -27.26 -19.78 -15.36
C VAL B 206 -27.51 -18.69 -16.43
N SER B 207 -26.58 -18.54 -17.37
CA SER B 207 -26.62 -17.41 -18.31
C SER B 207 -27.10 -17.85 -19.69
N GLN B 208 -27.61 -19.07 -19.79
CA GLN B 208 -27.96 -19.68 -21.07
C GLN B 208 -28.89 -18.81 -21.91
N LYS B 209 -30.05 -18.49 -21.35
CA LYS B 209 -31.06 -17.72 -22.07
C LYS B 209 -30.62 -16.25 -22.29
N LEU B 210 -29.92 -15.69 -21.30
CA LEU B 210 -29.34 -14.36 -21.43
C LEU B 210 -28.42 -14.33 -22.65
N MET B 211 -27.60 -15.38 -22.82
CA MET B 211 -26.63 -15.44 -23.93
C MET B 211 -27.31 -15.48 -25.29
N GLU B 212 -28.40 -16.24 -25.36
CA GLU B 212 -29.34 -16.25 -26.51
C GLU B 212 -30.06 -14.91 -26.76
N ILE B 213 -30.50 -14.21 -25.70
CA ILE B 213 -31.06 -12.84 -25.85
C ILE B 213 -30.05 -11.84 -26.47
N ALA B 214 -28.90 -11.66 -25.80
CA ALA B 214 -27.83 -10.79 -26.32
C ALA B 214 -27.35 -11.14 -27.74
N GLN B 215 -27.42 -12.41 -28.13
CA GLN B 215 -27.09 -12.80 -29.52
C GLN B 215 -28.35 -12.88 -30.38
N LEU C 4 -1.38 -0.34 20.22
CA LEU C 4 0.12 -0.21 20.32
C LEU C 4 0.68 1.01 19.56
N TYR C 5 1.68 1.65 20.16
CA TYR C 5 2.18 2.90 19.74
C TYR C 5 3.71 2.89 19.76
N ALC C 6 4.28 2.32 18.71
CA ALC C 6 5.71 2.17 18.64
C ALC C 6 6.27 2.89 17.45
O ALC C 6 5.73 2.83 16.31
CB ALC C 6 6.04 0.65 18.54
CG ALC C 6 5.63 -0.12 19.81
CD2 ALC C 6 5.68 -1.68 19.60
CE2 ALC C 6 5.40 -2.40 20.95
CZ ALC C 6 6.49 -2.06 21.97
CE1 ALC C 6 6.34 -0.56 22.26
CD1 ALC C 6 6.56 0.25 20.96
N ALC C 7 7.44 3.49 17.68
CA ALC C 7 8.09 4.26 16.62
C ALC C 7 8.84 3.25 15.70
O ALC C 7 9.12 2.11 16.11
CB ALC C 7 9.09 5.26 17.17
CG ALC C 7 8.35 6.44 17.81
CD2 ALC C 7 9.37 7.03 18.78
CE2 ALC C 7 8.77 8.26 19.52
CZ ALC C 7 8.43 9.28 18.46
CE1 ALC C 7 7.48 8.65 17.45
CD1 ALC C 7 7.99 7.40 16.72
N PRO C 8 9.17 3.69 14.48
CA PRO C 8 10.02 2.79 13.67
C PRO C 8 11.38 2.51 14.31
N ARG C 9 11.90 1.35 13.99
CA ARG C 9 13.24 0.89 14.47
C ARG C 9 14.30 1.72 13.78
N PRO C 10 15.55 1.58 14.25
CA PRO C 10 16.55 2.37 13.53
C PRO C 10 16.78 1.96 12.08
N THR C 11 17.14 2.96 11.25
CA THR C 11 17.34 2.66 9.83
C THR C 11 18.60 1.79 9.69
N THR C 12 18.72 1.10 8.56
N LEU D 4 -0.31 -6.23 -24.05
CA LEU D 4 -1.13 -4.97 -23.85
C LEU D 4 -1.90 -4.93 -22.50
N TYR D 5 -1.45 -4.07 -21.60
CA TYR D 5 -2.05 -3.92 -20.27
C TYR D 5 -3.09 -2.81 -20.20
N ALC D 6 -3.98 -3.03 -19.25
CA ALC D 6 -5.16 -2.16 -19.09
C ALC D 6 -5.17 -1.28 -17.91
O ALC D 6 -4.59 -1.61 -16.87
CB ALC D 6 -6.40 -3.11 -19.06
CG ALC D 6 -6.46 -4.17 -20.19
CD2 ALC D 6 -7.77 -5.02 -20.13
CE2 ALC D 6 -7.71 -6.07 -21.24
CZ ALC D 6 -7.43 -5.50 -22.66
CE1 ALC D 6 -6.26 -4.54 -22.72
CD1 ALC D 6 -6.36 -3.49 -21.57
N ALC D 7 -5.90 -0.16 -18.06
CA ALC D 7 -5.90 0.86 -17.00
C ALC D 7 -7.23 1.03 -16.36
O ALC D 7 -8.22 1.01 -17.06
CB ALC D 7 -5.60 2.20 -17.64
CG ALC D 7 -4.24 2.44 -18.12
CD2 ALC D 7 -3.00 1.70 -17.75
CE2 ALC D 7 -2.36 2.67 -16.77
CZ ALC D 7 -2.06 4.08 -17.35
CE1 ALC D 7 -3.39 4.59 -17.96
CD1 ALC D 7 -3.97 3.67 -18.96
N PRO D 8 -7.25 1.15 -15.03
CA PRO D 8 -8.50 1.34 -14.31
C PRO D 8 -9.15 2.71 -14.57
N ARG D 9 -10.47 2.78 -14.35
CA ARG D 9 -11.20 4.08 -14.31
C ARG D 9 -10.85 4.81 -13.03
N PRO D 10 -11.01 6.12 -13.05
CA PRO D 10 -10.86 6.93 -11.79
C PRO D 10 -11.80 6.49 -10.67
N THR D 11 -11.27 6.46 -9.43
CA THR D 11 -12.08 6.16 -8.23
C THR D 11 -13.03 7.35 -8.00
N THR D 12 -14.17 7.08 -7.34
S SO4 E . 19.39 15.73 13.79
O1 SO4 E . 19.50 14.28 14.11
O2 SO4 E . 18.38 16.41 14.65
O3 SO4 E . 20.73 16.36 14.01
O4 SO4 E . 19.02 15.91 12.37
S SO4 F . -4.92 -9.90 -2.13
O1 SO4 F . -6.34 -9.47 -2.17
O2 SO4 F . -4.21 -9.06 -1.13
O3 SO4 F . -4.83 -11.31 -1.73
O4 SO4 F . -4.22 -9.88 -3.46
S SO4 G . 12.38 20.20 -3.67
O1 SO4 G . 12.16 18.91 -2.97
O2 SO4 G . 11.14 21.01 -3.48
O3 SO4 G . 13.58 20.79 -3.04
O4 SO4 G . 12.63 20.17 -5.14
S SO4 H . 10.14 -0.64 11.11
O1 SO4 H . 9.56 -1.99 10.83
O2 SO4 H . 10.54 -0.80 12.53
O3 SO4 H . 11.32 -0.35 10.32
O4 SO4 H . 9.22 0.48 10.93
#